data_5Z2F
#
_entry.id   5Z2F
#
_cell.length_a   79.942
_cell.length_b   79.942
_cell.length_c   83.835
_cell.angle_alpha   90.00
_cell.angle_beta   90.00
_cell.angle_gamma   90.00
#
_symmetry.space_group_name_H-M   'P 42 21 2'
#
loop_
_entity.id
_entity.type
_entity.pdbx_description
1 polymer 'Dihydrodipicolinate reductase'
2 non-polymer 'NADP NICOTINAMIDE-ADENINE-DINUCLEOTIDE PHOSPHATE'
3 non-polymer 'PYRIDINE-2,6-DICARBOXYLIC ACID'
4 water water
#
_entity_poly.entity_id   1
_entity_poly.type   'polypeptide(L)'
_entity_poly.pdbx_seq_one_letter_code
;MMIRVAIGGPRGKMGQEAVHTVMNNENMELVAVLDHKDIGDLLSESPNFPASYEVPVFLNLESLIVTIKPDVFLDLTTPH
QVFEHTMLCLQNNVRPVIGTTGFTDEQLQQCTILAEVNKLGCIVAPNFAIGAVLMMKFASLAAAYFPDVEIIEMHHDQKL
DAPSGTAYKTAQMIAEVRPSHKQGHPNEKETLEGARGASYDGIPIHSVRLPGLIAHQQILFGGEGQLFTLRHDSYNRQSF
MSGVTFSINQVMEIKELVYGLENIL
;
_entity_poly.pdbx_strand_id   A
#
# COMPACT_ATOMS: atom_id res chain seq x y z
N MET A 1 -12.07 5.72 -24.01
CA MET A 1 -12.67 5.94 -22.66
C MET A 1 -12.21 4.93 -21.64
N MET A 2 -11.47 3.91 -22.08
CA MET A 2 -10.92 2.89 -21.20
C MET A 2 -9.75 3.51 -20.48
N ILE A 3 -9.59 3.20 -19.20
CA ILE A 3 -8.34 3.51 -18.50
C ILE A 3 -7.26 2.50 -18.96
N ARG A 4 -6.18 3.00 -19.54
CA ARG A 4 -5.06 2.19 -20.02
C ARG A 4 -4.07 1.97 -18.85
N VAL A 5 -3.96 0.69 -18.45
CA VAL A 5 -3.33 0.35 -17.19
C VAL A 5 -2.16 -0.53 -17.48
N ALA A 6 -1.04 -0.20 -16.86
CA ALA A 6 0.12 -1.08 -16.80
C ALA A 6 0.35 -1.54 -15.36
N ILE A 7 0.82 -2.77 -15.20
CA ILE A 7 1.11 -3.29 -13.86
C ILE A 7 2.56 -3.77 -13.64
N GLY A 8 3.13 -3.31 -12.52
CA GLY A 8 4.41 -3.81 -12.06
C GLY A 8 4.30 -4.97 -11.10
N GLY A 9 5.00 -6.05 -11.44
CA GLY A 9 5.05 -7.26 -10.64
C GLY A 9 3.90 -8.22 -10.87
N PRO A 10 3.53 -8.47 -12.15
CA PRO A 10 2.35 -9.27 -12.50
C PRO A 10 2.31 -10.71 -11.98
N ARG A 11 3.45 -11.34 -11.80
CA ARG A 11 3.51 -12.69 -11.30
C ARG A 11 3.45 -12.76 -9.77
N GLY A 12 3.50 -11.64 -9.08
CA GLY A 12 3.51 -11.63 -7.62
C GLY A 12 2.17 -12.01 -7.03
N LYS A 13 2.14 -12.18 -5.72
CA LYS A 13 0.92 -12.67 -5.06
C LYS A 13 -0.20 -11.64 -5.27
N MET A 14 0.09 -10.35 -5.08
CA MET A 14 -0.88 -9.31 -5.42
C MET A 14 -0.97 -9.16 -6.97
N GLY A 15 0.18 -9.13 -7.61
CA GLY A 15 0.21 -8.85 -9.04
C GLY A 15 -0.80 -9.63 -9.85
N GLN A 16 -0.81 -10.93 -9.67
CA GLN A 16 -1.64 -11.78 -10.53
C GLN A 16 -3.13 -11.62 -10.31
N GLU A 17 -3.52 -11.30 -9.09
CA GLU A 17 -4.90 -11.01 -8.81
C GLU A 17 -5.30 -9.74 -9.50
N ALA A 18 -4.43 -8.74 -9.43
CA ALA A 18 -4.70 -7.46 -10.02
C ALA A 18 -4.69 -7.60 -11.53
N VAL A 19 -3.84 -8.46 -12.09
CA VAL A 19 -3.90 -8.75 -13.54
C VAL A 19 -5.31 -9.21 -13.93
N HIS A 20 -5.85 -10.16 -13.17
CA HIS A 20 -7.17 -10.72 -13.48
C HIS A 20 -8.26 -9.71 -13.24
N THR A 21 -8.13 -8.96 -12.16
CA THR A 21 -9.12 -7.97 -11.86
C THR A 21 -9.17 -6.96 -13.01
N VAL A 22 -8.01 -6.45 -13.41
CA VAL A 22 -7.99 -5.43 -14.49
C VAL A 22 -8.44 -6.04 -15.82
N MET A 23 -8.10 -7.27 -16.07
CA MET A 23 -8.57 -7.91 -17.31
C MET A 23 -10.09 -7.97 -17.37
N ASN A 24 -10.72 -8.33 -16.26
CA ASN A 24 -12.15 -8.36 -16.16
C ASN A 24 -12.86 -7.03 -15.84
N ASN A 25 -12.18 -5.92 -15.59
CA ASN A 25 -12.89 -4.66 -15.47
C ASN A 25 -13.13 -4.20 -16.89
N GLU A 26 -14.37 -3.79 -17.13
CA GLU A 26 -14.81 -3.50 -18.48
C GLU A 26 -14.50 -2.07 -18.86
N ASN A 27 -14.19 -1.21 -17.90
CA ASN A 27 -13.74 0.14 -18.22
C ASN A 27 -12.23 0.29 -18.22
N MET A 28 -11.48 -0.83 -18.11
CA MET A 28 -10.02 -0.81 -18.02
C MET A 28 -9.39 -1.76 -18.98
N GLU A 29 -8.32 -1.33 -19.65
CA GLU A 29 -7.49 -2.24 -20.45
C GLU A 29 -6.12 -2.35 -19.88
N LEU A 30 -5.65 -3.58 -19.74
CA LEU A 30 -4.31 -3.85 -19.31
C LEU A 30 -3.44 -3.77 -20.52
N VAL A 31 -2.65 -2.73 -20.60
CA VAL A 31 -1.89 -2.44 -21.84
C VAL A 31 -0.44 -2.89 -21.76
N ALA A 32 0.04 -3.09 -20.53
CA ALA A 32 1.39 -3.59 -20.32
C ALA A 32 1.64 -4.05 -18.88
N VAL A 33 2.68 -4.87 -18.74
CA VAL A 33 3.26 -5.21 -17.46
C VAL A 33 4.75 -5.04 -17.47
N LEU A 34 5.25 -4.79 -16.27
CA LEU A 34 6.66 -4.66 -15.97
C LEU A 34 7.09 -5.78 -15.07
N ASP A 35 8.11 -6.53 -15.51
CA ASP A 35 8.76 -7.52 -14.70
C ASP A 35 10.22 -7.16 -14.59
N HIS A 36 10.97 -7.99 -13.89
CA HIS A 36 12.45 -7.94 -13.91
C HIS A 36 13.10 -9.29 -14.17
N LYS A 37 12.34 -10.26 -14.66
CA LYS A 37 12.81 -11.56 -15.11
C LYS A 37 12.31 -11.61 -16.56
N ASP A 38 13.14 -12.14 -17.47
CA ASP A 38 12.68 -12.39 -18.83
C ASP A 38 11.72 -13.55 -18.74
N ILE A 39 10.46 -13.26 -19.02
CA ILE A 39 9.40 -14.25 -19.02
C ILE A 39 8.70 -14.27 -20.37
N GLY A 40 9.32 -13.67 -21.40
CA GLY A 40 8.76 -13.65 -22.76
C GLY A 40 8.30 -12.27 -23.15
N ASP A 41 7.83 -12.16 -24.38
CA ASP A 41 7.27 -10.91 -24.90
C ASP A 41 5.87 -10.61 -24.37
N LEU A 42 5.08 -11.66 -24.12
CA LEU A 42 3.68 -11.52 -23.73
C LEU A 42 3.43 -12.26 -22.43
N LEU A 43 2.49 -11.76 -21.63
CA LEU A 43 2.21 -12.37 -20.33
C LEU A 43 1.57 -13.77 -20.51
N SER A 44 0.78 -13.92 -21.57
CA SER A 44 0.29 -15.23 -22.02
C SER A 44 1.39 -16.31 -22.21
N GLU A 45 2.64 -15.91 -22.38
CA GLU A 45 3.75 -16.88 -22.41
C GLU A 45 4.05 -17.50 -21.05
N SER A 46 3.64 -16.82 -19.97
CA SER A 46 3.76 -17.38 -18.64
C SER A 46 2.64 -18.37 -18.42
N PRO A 47 2.92 -19.44 -17.64
CA PRO A 47 1.83 -20.15 -17.02
C PRO A 47 1.30 -19.29 -15.87
N ASN A 48 0.13 -19.65 -15.40
CA ASN A 48 -0.69 -18.83 -14.51
C ASN A 48 -1.50 -17.86 -15.31
N PHE A 49 -1.08 -17.54 -16.54
CA PHE A 49 -1.84 -16.62 -17.37
C PHE A 49 -2.33 -17.30 -18.64
N PRO A 50 -3.60 -17.10 -19.00
CA PRO A 50 -4.13 -17.76 -20.18
C PRO A 50 -3.68 -17.14 -21.47
N ALA A 51 -3.87 -17.90 -22.56
CA ALA A 51 -3.42 -17.53 -23.91
C ALA A 51 -4.00 -16.24 -24.40
N SER A 52 -5.23 -15.96 -23.99
CA SER A 52 -5.89 -14.68 -24.24
C SER A 52 -5.13 -13.44 -23.72
N TYR A 53 -4.27 -13.59 -22.71
CA TYR A 53 -3.58 -12.44 -22.07
C TYR A 53 -2.36 -11.93 -22.86
N GLU A 54 -2.60 -11.40 -24.04
CA GLU A 54 -1.53 -10.97 -24.95
C GLU A 54 -1.08 -9.56 -24.59
N VAL A 55 -0.51 -9.45 -23.41
CA VAL A 55 -0.19 -8.19 -22.81
C VAL A 55 1.33 -8.09 -22.92
N PRO A 56 1.83 -6.99 -23.49
CA PRO A 56 3.29 -6.90 -23.60
C PRO A 56 3.99 -6.72 -22.26
N VAL A 57 5.10 -7.45 -22.15
CA VAL A 57 5.96 -7.47 -20.99
C VAL A 57 7.17 -6.58 -21.29
N PHE A 58 7.55 -5.79 -20.30
CA PHE A 58 8.71 -4.93 -20.36
C PHE A 58 9.51 -5.24 -19.11
N LEU A 59 10.83 -5.15 -19.26
CA LEU A 59 11.75 -5.30 -18.16
C LEU A 59 12.27 -3.94 -17.72
N ASN A 60 11.95 -2.88 -18.48
CA ASN A 60 12.40 -1.53 -18.19
C ASN A 60 11.22 -0.58 -18.17
N LEU A 61 11.03 0.12 -17.06
CA LEU A 61 9.86 0.99 -16.91
C LEU A 61 9.84 2.17 -17.88
N GLU A 62 10.99 2.80 -18.05
CA GLU A 62 11.11 3.93 -18.97
C GLU A 62 10.71 3.49 -20.39
N SER A 63 11.14 2.32 -20.79
CA SER A 63 10.78 1.74 -22.08
C SER A 63 9.27 1.48 -22.18
N LEU A 64 8.73 0.84 -21.15
CA LEU A 64 7.32 0.66 -21.07
C LEU A 64 6.63 1.99 -21.27
N ILE A 65 6.99 2.98 -20.46
CA ILE A 65 6.27 4.25 -20.51
C ILE A 65 6.33 4.94 -21.89
N VAL A 66 7.50 4.95 -22.50
CA VAL A 66 7.66 5.64 -23.78
C VAL A 66 6.93 4.88 -24.88
N THR A 67 7.03 3.55 -24.87
CA THR A 67 6.35 2.70 -25.85
C THR A 67 4.84 2.71 -25.71
N ILE A 68 4.34 2.63 -24.47
CA ILE A 68 2.93 2.33 -24.23
C ILE A 68 2.11 3.53 -23.75
N LYS A 69 2.75 4.47 -23.06
CA LYS A 69 2.08 5.65 -22.52
C LYS A 69 0.79 5.29 -21.78
N PRO A 70 0.90 4.46 -20.73
CA PRO A 70 -0.33 4.14 -20.01
C PRO A 70 -0.88 5.35 -19.25
N ASP A 71 -2.18 5.39 -19.04
CA ASP A 71 -2.78 6.42 -18.15
C ASP A 71 -2.32 6.22 -16.70
N VAL A 72 -2.18 4.94 -16.31
CA VAL A 72 -1.99 4.53 -14.91
C VAL A 72 -1.00 3.38 -14.85
N PHE A 73 -0.10 3.45 -13.87
CA PHE A 73 0.77 2.35 -13.54
C PHE A 73 0.49 1.96 -12.10
N LEU A 74 0.11 0.68 -11.97
CA LEU A 74 -0.12 0.01 -10.71
C LEU A 74 1.09 -0.80 -10.32
N ASP A 75 1.73 -0.36 -9.24
CA ASP A 75 2.92 -1.00 -8.74
C ASP A 75 2.60 -1.94 -7.58
N LEU A 76 2.94 -3.20 -7.79
CA LEU A 76 2.93 -4.24 -6.78
C LEU A 76 4.25 -5.04 -6.80
N THR A 77 5.37 -4.35 -6.64
CA THR A 77 6.70 -4.94 -6.76
C THR A 77 7.26 -5.08 -5.35
N THR A 78 8.31 -4.32 -4.99
CA THR A 78 9.09 -4.56 -3.78
C THR A 78 9.50 -3.22 -3.25
N PRO A 79 9.80 -3.09 -1.94
CA PRO A 79 10.25 -1.77 -1.41
C PRO A 79 11.50 -1.17 -2.08
N HIS A 80 12.39 -2.06 -2.52
CA HIS A 80 13.65 -1.71 -3.14
C HIS A 80 13.46 -0.74 -4.33
N GLN A 81 12.42 -0.95 -5.12
CA GLN A 81 12.17 -0.17 -6.35
C GLN A 81 11.02 0.82 -6.27
N VAL A 82 10.33 0.92 -5.13
CA VAL A 82 9.05 1.61 -5.17
C VAL A 82 9.24 3.07 -5.54
N PHE A 83 10.22 3.70 -4.88
CA PHE A 83 10.47 5.11 -5.10
C PHE A 83 10.87 5.40 -6.53
N GLU A 84 11.82 4.65 -7.04
CA GLU A 84 12.30 4.83 -8.39
C GLU A 84 11.15 4.71 -9.41
N HIS A 85 10.31 3.70 -9.23
CA HIS A 85 9.16 3.48 -10.08
C HIS A 85 8.15 4.62 -10.09
N THR A 86 7.80 5.06 -8.88
CA THR A 86 6.85 6.14 -8.75
C THR A 86 7.37 7.43 -9.41
N MET A 87 8.63 7.73 -9.16
CA MET A 87 9.29 8.91 -9.70
C MET A 87 9.34 8.90 -11.22
N LEU A 88 9.64 7.76 -11.81
CA LEU A 88 9.73 7.68 -13.26
C LEU A 88 8.38 8.04 -13.85
N CYS A 89 7.34 7.43 -13.28
CA CYS A 89 5.94 7.71 -13.65
C CYS A 89 5.62 9.19 -13.55
N LEU A 90 5.90 9.77 -12.38
CA LEU A 90 5.46 11.13 -12.08
C LEU A 90 6.12 12.21 -12.95
N GLN A 91 7.27 11.92 -13.55
CA GLN A 91 7.86 12.85 -14.49
C GLN A 91 7.83 12.34 -15.94
N ASN A 92 6.97 11.38 -16.24
CA ASN A 92 6.66 10.99 -17.63
C ASN A 92 5.19 10.80 -17.87
N ASN A 93 4.39 11.56 -17.14
CA ASN A 93 2.99 11.76 -17.46
C ASN A 93 2.09 10.55 -17.16
N VAL A 94 2.49 9.71 -16.21
CA VAL A 94 1.74 8.49 -15.87
C VAL A 94 1.25 8.56 -14.41
N ARG A 95 -0.04 8.30 -14.18
CA ARG A 95 -0.57 8.34 -12.82
C ARG A 95 -0.17 7.04 -12.11
N PRO A 96 0.60 7.15 -11.01
CA PRO A 96 0.90 5.92 -10.29
C PRO A 96 -0.15 5.61 -9.24
N VAL A 97 -0.54 4.34 -9.15
CA VAL A 97 -1.22 3.78 -8.00
C VAL A 97 -0.24 2.80 -7.39
N ILE A 98 0.15 3.11 -6.16
CA ILE A 98 1.22 2.37 -5.53
C ILE A 98 0.64 1.55 -4.40
N GLY A 99 0.60 0.24 -4.63
CA GLY A 99 0.24 -0.74 -3.64
C GLY A 99 1.44 -1.10 -2.78
N THR A 100 2.60 -1.22 -3.44
CA THR A 100 3.88 -1.52 -2.84
C THR A 100 4.06 -0.61 -1.62
N THR A 101 4.67 -1.17 -0.58
CA THR A 101 4.94 -0.44 0.64
C THR A 101 6.44 -0.19 0.72
N GLY A 102 6.84 0.58 1.73
CA GLY A 102 8.24 0.80 2.00
C GLY A 102 8.87 2.07 1.44
N PHE A 103 8.08 3.11 1.16
CA PHE A 103 8.64 4.46 0.97
C PHE A 103 9.21 4.93 2.32
N THR A 104 10.16 5.86 2.27
CA THR A 104 10.58 6.65 3.43
C THR A 104 9.68 7.87 3.50
N ASP A 105 9.60 8.47 4.68
CA ASP A 105 8.89 9.73 4.85
C ASP A 105 9.41 10.70 3.82
N GLU A 106 10.74 10.80 3.70
CA GLU A 106 11.31 11.75 2.75
C GLU A 106 10.87 11.47 1.31
N GLN A 107 11.00 10.22 0.86
CA GLN A 107 10.57 9.82 -0.51
C GLN A 107 9.10 10.06 -0.78
N LEU A 108 8.28 9.79 0.22
CA LEU A 108 6.83 10.09 0.09
C LEU A 108 6.57 11.58 -0.14
N GLN A 109 7.19 12.39 0.71
CA GLN A 109 7.12 13.85 0.55
C GLN A 109 7.67 14.33 -0.81
N GLN A 110 8.79 13.76 -1.27
CA GLN A 110 9.29 14.10 -2.60
C GLN A 110 8.29 13.76 -3.72
N CYS A 111 7.71 12.57 -3.63
CA CYS A 111 6.61 12.13 -4.54
C CYS A 111 5.41 13.05 -4.51
N THR A 112 5.06 13.52 -3.31
CA THR A 112 3.94 14.44 -3.15
C THR A 112 4.19 15.77 -3.79
N ILE A 113 5.41 16.28 -3.69
CA ILE A 113 5.79 17.52 -4.39
C ILE A 113 5.82 17.30 -5.91
N LEU A 114 6.33 16.17 -6.40
CA LEU A 114 6.27 15.94 -7.85
C LEU A 114 4.89 15.88 -8.49
N ALA A 115 3.95 15.29 -7.78
CA ALA A 115 2.60 15.17 -8.27
C ALA A 115 1.99 16.54 -8.34
N GLU A 116 2.19 17.32 -7.27
CA GLU A 116 1.72 18.70 -7.13
C GLU A 116 2.20 19.53 -8.31
N VAL A 117 3.49 19.40 -8.60
CA VAL A 117 4.15 20.25 -9.57
C VAL A 117 3.69 19.83 -10.95
N ASN A 118 3.47 18.53 -11.21
CA ASN A 118 3.06 18.08 -12.55
C ASN A 118 1.56 17.94 -12.73
N LYS A 119 0.80 18.37 -11.72
CA LYS A 119 -0.65 18.33 -11.73
C LYS A 119 -1.13 16.93 -12.09
N LEU A 120 -0.54 15.93 -11.46
CA LEU A 120 -0.73 14.56 -11.90
C LEU A 120 -1.21 13.76 -10.69
N GLY A 121 -2.30 13.04 -10.88
CA GLY A 121 -2.81 12.16 -9.86
C GLY A 121 -1.88 11.01 -9.50
N CYS A 122 -1.84 10.75 -8.20
CA CYS A 122 -1.12 9.61 -7.64
C CYS A 122 -1.81 9.14 -6.36
N ILE A 123 -2.03 7.83 -6.24
CA ILE A 123 -2.49 7.22 -4.98
C ILE A 123 -1.43 6.27 -4.43
N VAL A 124 -1.06 6.54 -3.19
CA VAL A 124 -0.26 5.62 -2.43
C VAL A 124 -1.23 5.04 -1.40
N ALA A 125 -1.54 3.75 -1.61
CA ALA A 125 -2.45 2.99 -0.75
C ALA A 125 -1.72 1.94 0.11
N PRO A 126 -1.52 2.23 1.40
CA PRO A 126 -0.97 1.21 2.31
C PRO A 126 -1.89 -0.05 2.54
N ASN A 127 -3.19 0.09 2.29
CA ASN A 127 -4.13 -1.01 2.27
C ASN A 127 -5.30 -0.76 1.32
N PHE A 128 -5.53 -1.69 0.42
CA PHE A 128 -6.69 -1.64 -0.47
C PHE A 128 -8.02 -2.15 0.15
N ALA A 129 -7.99 -2.81 1.31
CA ALA A 129 -9.22 -3.42 1.83
C ALA A 129 -10.01 -2.37 2.57
N ILE A 130 -11.27 -2.29 2.23
CA ILE A 130 -12.07 -1.24 2.76
C ILE A 130 -12.17 -1.27 4.31
N GLY A 131 -12.11 -2.42 4.92
CA GLY A 131 -12.20 -2.51 6.38
C GLY A 131 -10.96 -2.00 7.08
N ALA A 132 -9.84 -2.14 6.38
CA ALA A 132 -8.59 -1.61 6.84
C ALA A 132 -8.64 -0.09 6.80
N VAL A 133 -9.15 0.45 5.70
CA VAL A 133 -9.27 1.89 5.53
C VAL A 133 -10.19 2.44 6.63
N LEU A 134 -11.27 1.73 6.88
CA LEU A 134 -12.19 2.12 7.93
C LEU A 134 -11.53 2.09 9.31
N MET A 135 -10.73 1.04 9.54
CA MET A 135 -9.96 0.89 10.80
C MET A 135 -9.13 2.12 11.06
N MET A 136 -8.45 2.57 10.01
CA MET A 136 -7.52 3.69 10.12
C MET A 136 -8.27 4.96 10.42
N LYS A 137 -9.39 5.11 9.74
CA LYS A 137 -10.23 6.26 9.92
C LYS A 137 -10.70 6.32 11.35
N PHE A 138 -11.17 5.20 11.89
CA PHE A 138 -11.67 5.21 13.28
C PHE A 138 -10.55 5.38 14.29
N ALA A 139 -9.34 4.99 13.92
CA ALA A 139 -8.20 5.18 14.81
C ALA A 139 -7.97 6.66 15.17
N SER A 140 -8.02 7.50 14.14
CA SER A 140 -7.96 8.97 14.31
C SER A 140 -8.96 9.44 15.33
N LEU A 141 -10.19 8.99 15.18
CA LEU A 141 -11.26 9.45 16.04
C LEU A 141 -11.08 8.94 17.46
N ALA A 142 -10.69 7.66 17.60
CA ALA A 142 -10.55 7.06 18.91
C ALA A 142 -9.42 7.68 19.72
N ALA A 143 -8.38 8.07 18.98
CA ALA A 143 -7.19 8.66 19.58
C ALA A 143 -7.51 9.89 20.41
N ALA A 144 -8.61 10.55 20.12
CA ALA A 144 -9.03 11.71 20.88
C ALA A 144 -9.44 11.38 22.30
N TYR A 145 -9.90 10.19 22.52
CA TYR A 145 -10.45 9.81 23.79
C TYR A 145 -9.46 9.00 24.58
N PHE A 146 -8.53 8.33 23.90
CA PHE A 146 -7.63 7.38 24.51
C PHE A 146 -6.23 7.68 24.00
N PRO A 147 -5.47 8.54 24.69
CA PRO A 147 -4.09 8.88 24.23
C PRO A 147 -3.05 7.75 24.25
N ASP A 148 -3.29 6.72 25.07
CA ASP A 148 -2.43 5.56 25.12
C ASP A 148 -2.93 4.44 24.24
N VAL A 149 -2.14 4.11 23.21
CA VAL A 149 -2.49 3.14 22.21
C VAL A 149 -1.27 2.35 21.76
N GLU A 150 -1.48 1.11 21.34
CA GLU A 150 -0.45 0.35 20.67
C GLU A 150 -1.03 -0.27 19.44
N ILE A 151 -0.15 -0.62 18.49
CA ILE A 151 -0.57 -1.23 17.25
C ILE A 151 0.13 -2.57 17.15
N ILE A 152 -0.64 -3.62 16.85
CA ILE A 152 -0.10 -4.92 16.51
C ILE A 152 -0.60 -5.29 15.10
N GLU A 153 0.32 -5.75 14.30
CA GLU A 153 0.18 -5.76 12.88
C GLU A 153 0.73 -7.15 12.52
N MET A 154 0.01 -7.94 11.74
CA MET A 154 0.40 -9.33 11.51
C MET A 154 0.23 -9.68 10.06
N HIS A 155 1.25 -10.32 9.48
CA HIS A 155 1.25 -10.69 8.07
C HIS A 155 1.94 -12.00 7.82
N HIS A 156 1.66 -12.60 6.67
CA HIS A 156 2.44 -13.72 6.20
C HIS A 156 3.94 -13.47 6.33
N ASP A 157 4.67 -14.57 6.40
CA ASP A 157 6.08 -14.55 6.64
C ASP A 157 6.96 -14.48 5.36
N GLN A 158 6.40 -14.10 4.20
CA GLN A 158 7.18 -13.65 3.02
C GLN A 158 7.30 -12.12 2.91
N LYS A 159 6.47 -11.39 3.65
CA LYS A 159 6.51 -9.91 3.71
C LYS A 159 7.87 -9.37 4.11
N LEU A 160 8.34 -8.37 3.35
CA LEU A 160 9.68 -7.88 3.46
C LEU A 160 9.89 -6.70 4.44
N ASP A 161 8.81 -5.97 4.76
CA ASP A 161 8.95 -4.70 5.45
C ASP A 161 8.23 -4.82 6.77
N ALA A 162 8.87 -4.39 7.84
CA ALA A 162 8.23 -4.26 9.14
C ALA A 162 8.70 -2.97 9.77
N PRO A 163 7.78 -2.20 10.36
CA PRO A 163 6.36 -2.42 10.37
C PRO A 163 5.75 -2.23 9.00
N SER A 164 4.49 -2.57 8.90
CA SER A 164 3.76 -2.56 7.63
C SER A 164 3.38 -1.16 7.23
N GLY A 165 3.08 -0.99 5.96
CA GLY A 165 2.63 0.30 5.47
C GLY A 165 1.43 0.79 6.25
N THR A 166 0.50 -0.13 6.49
CA THR A 166 -0.73 0.21 7.22
C THR A 166 -0.42 0.69 8.66
N ALA A 167 0.52 0.04 9.30
CA ALA A 167 0.83 0.40 10.65
C ALA A 167 1.47 1.75 10.70
N TYR A 168 2.35 2.04 9.73
CA TYR A 168 2.93 3.40 9.62
C TYR A 168 1.85 4.43 9.44
N LYS A 169 0.94 4.16 8.50
CA LYS A 169 -0.11 5.11 8.20
C LYS A 169 -1.03 5.31 9.39
N THR A 170 -1.44 4.19 10.01
CA THR A 170 -2.22 4.27 11.28
C THR A 170 -1.60 5.17 12.33
N ALA A 171 -0.31 4.98 12.54
CA ALA A 171 0.43 5.71 13.55
C ALA A 171 0.51 7.20 13.21
N GLN A 172 0.76 7.50 11.94
CA GLN A 172 0.76 8.90 11.49
C GLN A 172 -0.56 9.52 11.78
N MET A 173 -1.64 8.82 11.43
CA MET A 173 -2.94 9.37 11.63
C MET A 173 -3.19 9.61 13.12
N ILE A 174 -2.82 8.64 13.92
CA ILE A 174 -3.00 8.76 15.38
C ILE A 174 -2.18 9.94 15.91
N ALA A 175 -0.95 10.02 15.46
CA ALA A 175 0.00 11.00 15.90
C ALA A 175 -0.48 12.43 15.73
N GLU A 176 -1.34 12.67 14.73
CA GLU A 176 -1.97 14.00 14.55
C GLU A 176 -2.91 14.42 15.61
N VAL A 177 -3.50 13.49 16.33
CA VAL A 177 -4.48 13.83 17.34
C VAL A 177 -3.90 13.59 18.72
N ARG A 178 -3.04 12.59 18.83
CA ARG A 178 -2.54 12.16 20.10
C ARG A 178 -1.35 13.02 20.49
N PRO A 179 -1.37 13.55 21.72
CA PRO A 179 -0.15 14.26 22.18
C PRO A 179 1.06 13.33 22.22
N SER A 180 2.18 13.84 21.81
CA SER A 180 3.40 13.08 21.78
C SER A 180 3.83 12.70 23.18
N HIS A 181 4.10 11.41 23.41
CA HIS A 181 4.53 10.92 24.75
C HIS A 181 4.95 9.48 24.69
N LYS A 182 5.70 9.08 25.71
CA LYS A 182 6.14 7.71 25.94
C LYS A 182 5.11 6.99 26.76
N GLN A 183 4.99 5.70 26.53
CA GLN A 183 4.08 4.83 27.28
C GLN A 183 4.83 3.74 27.97
N GLY A 184 4.19 3.17 28.97
CA GLY A 184 4.83 2.21 29.84
C GLY A 184 5.47 2.92 31.02
N HIS A 185 5.82 2.19 32.08
CA HIS A 185 6.39 2.86 33.23
C HIS A 185 7.70 3.56 32.75
N PRO A 186 7.96 4.81 33.18
CA PRO A 186 9.20 5.49 32.77
C PRO A 186 10.52 4.75 33.11
N ASN A 187 10.48 3.91 34.13
CA ASN A 187 11.60 3.07 34.50
C ASN A 187 11.53 1.62 34.03
N GLU A 188 10.63 1.30 33.12
CA GLU A 188 10.59 -0.09 32.65
C GLU A 188 11.90 -0.36 31.97
N LYS A 189 12.35 -1.60 32.06
CA LYS A 189 13.54 -2.05 31.35
C LYS A 189 13.18 -3.22 30.47
N GLU A 190 13.70 -3.20 29.24
CA GLU A 190 13.71 -4.35 28.37
C GLU A 190 14.87 -5.22 28.68
N THR A 191 14.62 -6.40 29.21
CA THR A 191 15.69 -7.33 29.46
C THR A 191 15.88 -8.29 28.29
N LEU A 192 15.03 -8.23 27.28
CA LEU A 192 15.30 -8.93 26.02
C LEU A 192 15.03 -7.88 24.96
N GLU A 193 16.05 -7.55 24.19
CA GLU A 193 16.05 -6.31 23.42
C GLU A 193 14.99 -6.40 22.33
N GLY A 194 14.20 -5.35 22.14
CA GLY A 194 13.10 -5.39 21.18
C GLY A 194 11.71 -5.64 21.71
N ALA A 195 11.60 -6.17 22.93
CA ALA A 195 10.29 -6.59 23.52
C ALA A 195 9.17 -5.58 23.34
N ARG A 196 9.47 -4.34 23.70
CA ARG A 196 8.48 -3.28 23.68
C ARG A 196 8.24 -2.74 22.28
N GLY A 197 8.87 -3.29 21.25
CA GLY A 197 8.47 -3.00 19.86
C GLY A 197 9.09 -1.74 19.31
N ALA A 198 8.68 -1.34 18.09
CA ALA A 198 9.11 -0.06 17.52
C ALA A 198 8.29 1.06 18.15
N SER A 199 8.68 2.28 17.87
CA SER A 199 8.05 3.46 18.45
C SER A 199 7.83 4.54 17.38
N TYR A 200 6.61 5.04 17.27
CA TYR A 200 6.30 6.10 16.31
C TYR A 200 5.67 7.24 17.09
N ASP A 201 6.45 8.27 17.34
CA ASP A 201 6.04 9.38 18.18
C ASP A 201 5.57 8.91 19.54
N GLY A 202 6.17 7.84 20.03
CA GLY A 202 5.83 7.23 21.33
C GLY A 202 4.84 6.07 21.26
N ILE A 203 4.22 5.89 20.11
CA ILE A 203 3.21 4.87 19.90
C ILE A 203 3.90 3.53 19.61
N PRO A 204 3.70 2.51 20.45
CA PRO A 204 4.37 1.27 20.10
C PRO A 204 3.78 0.51 18.93
N ILE A 205 4.62 -0.14 18.14
CA ILE A 205 4.17 -0.95 17.02
C ILE A 205 4.85 -2.30 17.08
N HIS A 206 4.08 -3.39 16.98
CA HIS A 206 4.64 -4.73 17.06
C HIS A 206 4.28 -5.43 15.78
N SER A 207 5.23 -6.19 15.22
CA SER A 207 5.03 -6.89 13.94
C SER A 207 5.20 -8.40 14.03
N VAL A 208 4.16 -9.11 13.62
CA VAL A 208 4.05 -10.56 13.65
C VAL A 208 4.14 -11.08 12.24
N ARG A 209 5.01 -12.09 12.04
CA ARG A 209 5.25 -12.67 10.69
C ARG A 209 5.21 -14.18 10.80
N LEU A 210 4.09 -14.80 10.43
CA LEU A 210 3.88 -16.23 10.59
C LEU A 210 3.33 -16.85 9.30
N PRO A 211 3.55 -18.14 9.09
CA PRO A 211 2.83 -18.79 7.97
C PRO A 211 1.37 -18.81 8.28
N GLY A 212 0.59 -18.83 7.23
CA GLY A 212 -0.85 -18.92 7.34
C GLY A 212 -1.56 -17.61 7.35
N LEU A 213 -0.96 -16.60 8.01
CA LEU A 213 -1.53 -15.22 8.00
C LEU A 213 -1.56 -14.64 6.58
N ILE A 214 -2.46 -13.72 6.34
CA ILE A 214 -2.42 -12.85 5.18
C ILE A 214 -2.17 -11.43 5.62
N ALA A 215 -3.15 -10.72 6.14
CA ALA A 215 -2.91 -9.36 6.61
C ALA A 215 -3.89 -8.97 7.66
N HIS A 216 -3.39 -8.45 8.76
CA HIS A 216 -4.19 -8.31 9.98
C HIS A 216 -3.66 -7.17 10.80
N GLN A 217 -4.53 -6.45 11.50
CA GLN A 217 -4.03 -5.47 12.44
C GLN A 217 -5.00 -5.31 13.55
N GLN A 218 -4.47 -5.00 14.70
CA GLN A 218 -5.32 -4.57 15.78
C GLN A 218 -4.75 -3.33 16.44
N ILE A 219 -5.65 -2.50 16.94
CA ILE A 219 -5.25 -1.24 17.53
C ILE A 219 -5.92 -1.25 18.88
N LEU A 220 -5.10 -1.15 19.92
CA LEU A 220 -5.50 -1.30 21.31
C LEU A 220 -5.37 0.01 22.06
N PHE A 221 -6.47 0.53 22.57
CA PHE A 221 -6.50 1.82 23.25
C PHE A 221 -6.79 1.54 24.71
N GLY A 222 -5.85 1.81 25.56
CA GLY A 222 -6.03 1.59 26.99
C GLY A 222 -6.80 2.74 27.62
N GLY A 223 -7.63 2.45 28.60
CA GLY A 223 -8.34 3.48 29.38
C GLY A 223 -8.60 3.03 30.83
N GLU A 224 -9.52 3.66 31.51
CA GLU A 224 -9.81 3.34 32.93
C GLU A 224 -10.57 2.06 33.05
N GLY A 225 -9.88 1.07 33.60
CA GLY A 225 -10.45 -0.23 33.83
C GLY A 225 -10.99 -0.86 32.56
N GLN A 226 -10.41 -0.53 31.40
CA GLN A 226 -11.00 -0.98 30.13
C GLN A 226 -10.06 -0.92 28.94
N LEU A 227 -10.46 -1.55 27.85
CA LEU A 227 -9.69 -1.57 26.64
C LEU A 227 -10.64 -1.50 25.41
N PHE A 228 -10.36 -0.58 24.49
CA PHE A 228 -11.12 -0.43 23.28
C PHE A 228 -10.23 -0.92 22.15
N THR A 229 -10.75 -1.82 21.33
CA THR A 229 -9.96 -2.45 20.31
C THR A 229 -10.58 -2.31 18.92
N LEU A 230 -9.78 -1.91 17.94
CA LEU A 230 -10.21 -1.89 16.57
C LEU A 230 -9.42 -2.96 15.89
N ARG A 231 -10.04 -3.75 15.02
CA ARG A 231 -9.39 -4.88 14.40
C ARG A 231 -9.86 -5.06 12.96
N HIS A 232 -8.93 -5.45 12.10
CA HIS A 232 -9.27 -5.88 10.76
C HIS A 232 -8.44 -7.11 10.40
N ASP A 233 -9.06 -8.05 9.65
CA ASP A 233 -8.43 -9.28 9.20
C ASP A 233 -8.77 -9.47 7.70
N SER A 234 -7.76 -9.47 6.83
CA SER A 234 -7.97 -9.85 5.43
C SER A 234 -7.63 -11.30 5.35
N TYR A 235 -8.50 -12.12 4.81
CA TYR A 235 -8.26 -13.55 4.80
C TYR A 235 -7.75 -14.04 3.47
N ASN A 236 -7.72 -13.18 2.48
CA ASN A 236 -7.13 -13.57 1.22
C ASN A 236 -6.84 -12.32 0.40
N ARG A 237 -6.20 -12.50 -0.74
CA ARG A 237 -5.81 -11.34 -1.57
C ARG A 237 -6.95 -10.78 -2.42
N GLN A 238 -7.98 -11.57 -2.68
CA GLN A 238 -9.22 -11.00 -3.24
C GLN A 238 -9.84 -9.88 -2.43
N SER A 239 -9.56 -9.79 -1.13
CA SER A 239 -10.10 -8.71 -0.31
C SER A 239 -9.59 -7.35 -0.74
N PHE A 240 -8.49 -7.36 -1.48
CA PHE A 240 -7.88 -6.14 -1.95
C PHE A 240 -8.34 -5.64 -3.29
N MET A 241 -9.04 -6.45 -4.06
CA MET A 241 -9.27 -6.12 -5.49
C MET A 241 -10.32 -5.04 -5.76
N SER A 242 -11.32 -4.91 -4.91
CA SER A 242 -12.22 -3.76 -4.99
C SER A 242 -11.47 -2.47 -4.74
N GLY A 243 -10.52 -2.48 -3.81
CA GLY A 243 -9.74 -1.28 -3.50
C GLY A 243 -8.85 -0.91 -4.67
N VAL A 244 -8.30 -1.91 -5.32
CA VAL A 244 -7.41 -1.67 -6.44
C VAL A 244 -8.19 -1.01 -7.58
N THR A 245 -9.35 -1.57 -7.87
CA THR A 245 -10.26 -1.06 -8.91
C THR A 245 -10.70 0.36 -8.58
N PHE A 246 -11.11 0.58 -7.34
CA PHE A 246 -11.46 1.91 -6.85
C PHE A 246 -10.32 2.91 -7.02
N SER A 247 -9.09 2.47 -6.75
CA SER A 247 -7.92 3.34 -6.83
C SER A 247 -7.55 3.73 -8.26
N ILE A 248 -7.68 2.81 -9.22
CA ILE A 248 -7.40 3.14 -10.60
C ILE A 248 -8.41 4.19 -11.05
N ASN A 249 -9.67 3.94 -10.76
CA ASN A 249 -10.71 4.87 -11.11
C ASN A 249 -10.41 6.24 -10.45
N GLN A 250 -10.17 6.24 -9.14
CA GLN A 250 -10.04 7.50 -8.38
C GLN A 250 -8.84 8.34 -8.76
N VAL A 251 -7.76 7.69 -9.15
CA VAL A 251 -6.55 8.40 -9.48
C VAL A 251 -6.75 9.34 -10.68
N MET A 252 -7.64 8.94 -11.59
CA MET A 252 -7.94 9.71 -12.79
C MET A 252 -8.61 11.02 -12.49
N GLU A 253 -9.21 11.13 -11.30
CA GLU A 253 -9.95 12.31 -10.92
C GLU A 253 -9.13 13.27 -10.17
N ILE A 254 -7.87 13.00 -9.89
CA ILE A 254 -7.10 13.91 -9.05
C ILE A 254 -5.87 14.40 -9.76
N LYS A 255 -5.29 15.46 -9.22
CA LYS A 255 -4.17 16.16 -9.82
C LYS A 255 -3.06 16.42 -8.79
N GLU A 256 -2.98 15.55 -7.80
CA GLU A 256 -2.01 15.63 -6.76
C GLU A 256 -1.90 14.22 -6.16
N LEU A 257 -1.01 14.04 -5.18
CA LEU A 257 -0.82 12.76 -4.54
C LEU A 257 -1.78 12.63 -3.37
N VAL A 258 -2.53 11.53 -3.36
CA VAL A 258 -3.33 11.15 -2.19
C VAL A 258 -2.72 9.92 -1.50
N TYR A 259 -2.43 10.11 -0.21
CA TYR A 259 -1.82 9.08 0.65
C TYR A 259 -2.91 8.48 1.55
N GLY A 260 -3.26 7.24 1.22
CA GLY A 260 -4.34 6.55 1.90
C GLY A 260 -5.70 6.83 1.30
N LEU A 261 -6.47 5.76 1.13
CA LEU A 261 -7.81 5.87 0.61
C LEU A 261 -8.81 6.48 1.60
N GLU A 262 -8.44 6.71 2.87
CA GLU A 262 -9.40 7.31 3.85
C GLU A 262 -10.00 8.63 3.40
N ASN A 263 -9.14 9.44 2.76
CA ASN A 263 -9.45 10.77 2.20
C ASN A 263 -10.64 10.77 1.24
N ILE A 264 -10.84 9.66 0.52
CA ILE A 264 -11.67 9.66 -0.68
C ILE A 264 -12.74 8.59 -0.72
N LEU A 265 -13.06 7.94 0.41
CA LEU A 265 -14.26 7.09 0.40
C LEU A 265 -15.54 7.85 0.00
#